data_2E9C
#
_entry.id   2E9C
#
_cell.length_a   63.543
_cell.length_b   68.693
_cell.length_c   110.030
_cell.angle_alpha   90.00
_cell.angle_beta   90.00
_cell.angle_gamma   90.00
#
_symmetry.space_group_name_H-M   'P 21 21 21'
#
loop_
_entity.id
_entity.type
_entity.pdbx_description
1 polymer 'Undecaprenyl pyrophosphate synthetase'
2 non-polymer "1-HYDROXY-2-[3'-(NAPHTHALENE-2-SULFONYLAMINO)-BIPHENYL-3-YL]ETHYLIDENE-1,1-BISPHOSPHONIC ACID"
3 water water
#
_entity_poly.entity_id   1
_entity_poly.type   'polypeptide(L)'
_entity_poly.pdbx_seq_one_letter_code
;MMLSATQPLSEKLPAHGCRHVAIIMDGNGRWAKKQGKIRAFGHKAGAKSVRRAVSFAANNGIEALTLYAFSSENWNRPAQ
EVSALMELFVWALDSEVKSLHRHNVRLRIIGDTSRFNSRLQERIRKSEALTAGNTGLTLNIAANYGGRWDIVQGVRQLAE
KVQQGNLQPDQIDEEMLNQHVCMHELAPVDLVIRTGGEHRISNFLLWQIAYAELYFTDVLWPDFDEQDFEGALNAFANRE
RRFGGTEPGDETA
;
_entity_poly.pdbx_strand_id   A,B
#
# COMPACT_ATOMS: atom_id res chain seq x y z
N PRO A 14 2.66 -5.32 23.72
CA PRO A 14 1.97 -5.02 24.99
C PRO A 14 0.43 -4.88 24.83
N ALA A 15 -0.24 -4.36 25.85
CA ALA A 15 -1.70 -4.24 25.86
C ALA A 15 -2.36 -3.89 24.50
N HIS A 16 -1.89 -2.82 23.85
CA HIS A 16 -2.46 -2.44 22.57
C HIS A 16 -2.11 -3.39 21.42
N GLY A 17 -1.13 -4.27 21.61
CA GLY A 17 -0.76 -5.23 20.58
C GLY A 17 0.01 -4.65 19.40
N CYS A 18 0.33 -3.37 19.51
CA CYS A 18 0.99 -2.66 18.45
C CYS A 18 2.49 -2.50 18.69
N ARG A 19 3.30 -3.14 17.86
CA ARG A 19 4.73 -3.05 18.02
C ARG A 19 5.42 -1.99 17.22
N HIS A 20 4.89 -1.69 16.05
CA HIS A 20 5.57 -0.72 15.19
C HIS A 20 4.50 0.18 14.56
N VAL A 21 4.61 1.46 14.85
CA VAL A 21 3.74 2.50 14.35
C VAL A 21 4.51 3.42 13.41
N ALA A 22 3.90 3.72 12.27
CA ALA A 22 4.48 4.68 11.31
C ALA A 22 3.48 5.85 11.17
N ILE A 23 4.03 7.07 11.10
CA ILE A 23 3.21 8.25 11.01
C ILE A 23 3.58 9.16 9.83
N ILE A 24 2.58 9.49 9.02
CA ILE A 24 2.75 10.46 7.98
C ILE A 24 2.25 11.71 8.68
N MET A 25 3.21 12.58 9.00
CA MET A 25 2.95 13.83 9.70
C MET A 25 2.60 14.90 8.70
N ASP A 26 1.41 15.47 8.87
CA ASP A 26 0.98 16.50 7.93
C ASP A 26 0.07 17.50 8.59
N GLY A 27 0.12 18.73 8.09
CA GLY A 27 -0.79 19.74 8.62
C GLY A 27 -0.19 20.93 9.34
N ASN A 28 1.14 21.00 9.45
CA ASN A 28 1.73 22.12 10.18
C ASN A 28 1.42 23.45 9.53
N GLY A 29 1.57 23.47 8.21
CA GLY A 29 1.36 24.67 7.44
C GLY A 29 -0.04 25.19 7.63
N ARG A 30 -1.02 24.29 7.49
CA ARG A 30 -2.40 24.68 7.65
C ARG A 30 -2.59 25.15 9.05
N TRP A 31 -1.97 24.46 9.99
CA TRP A 31 -2.13 24.83 11.39
C TRP A 31 -1.66 26.28 11.66
N ALA A 32 -0.51 26.65 11.13
CA ALA A 32 0.02 27.98 11.36
C ALA A 32 -0.86 29.04 10.67
N LYS A 33 -1.22 28.73 9.42
CA LYS A 33 -2.09 29.61 8.63
C LYS A 33 -3.41 29.92 9.36
N LYS A 34 -4.05 28.92 9.97
CA LYS A 34 -5.28 29.15 10.72
C LYS A 34 -5.03 30.13 11.88
N GLN A 35 -3.79 30.12 12.35
CA GLN A 35 -3.35 30.97 13.45
C GLN A 35 -3.04 32.33 12.89
N GLY A 36 -2.75 32.39 11.61
CA GLY A 36 -2.38 33.63 10.99
C GLY A 36 -0.87 33.82 11.15
N LYS A 37 -0.14 32.73 11.39
CA LYS A 37 1.30 32.77 11.57
C LYS A 37 1.97 32.17 10.34
N ILE A 38 3.26 32.42 10.17
CA ILE A 38 3.93 31.86 9.01
C ILE A 38 4.43 30.43 9.23
N ARG A 39 4.84 29.78 8.16
CA ARG A 39 5.29 28.41 8.22
C ARG A 39 6.24 28.08 9.37
N ALA A 40 7.23 28.93 9.60
CA ALA A 40 8.20 28.72 10.68
C ALA A 40 7.53 28.42 12.03
N PHE A 41 6.39 29.04 12.26
CA PHE A 41 5.72 28.85 13.52
C PHE A 41 5.12 27.44 13.55
N GLY A 42 4.59 27.01 12.42
CA GLY A 42 4.04 25.68 12.32
C GLY A 42 5.15 24.65 12.46
N HIS A 43 6.37 25.00 12.00
CA HIS A 43 7.49 24.09 12.12
C HIS A 43 7.88 23.94 13.59
N LYS A 44 7.92 25.02 14.35
CA LYS A 44 8.29 24.87 15.75
C LYS A 44 7.23 24.00 16.43
N ALA A 45 5.96 24.24 16.13
CA ALA A 45 4.88 23.47 16.74
C ALA A 45 4.99 22.01 16.34
N GLY A 46 5.34 21.77 15.09
CA GLY A 46 5.46 20.40 14.61
C GLY A 46 6.54 19.64 15.36
N ALA A 47 7.70 20.27 15.59
CA ALA A 47 8.82 19.62 16.32
C ALA A 47 8.37 19.32 17.75
N LYS A 48 7.54 20.17 18.34
CA LYS A 48 7.09 19.93 19.70
C LYS A 48 6.22 18.69 19.69
N SER A 49 5.42 18.57 18.64
CA SER A 49 4.51 17.43 18.50
C SER A 49 5.29 16.12 18.26
N VAL A 50 6.45 16.23 17.59
CA VAL A 50 7.31 15.09 17.36
C VAL A 50 7.89 14.63 18.70
N ARG A 51 8.38 15.54 19.54
CA ARG A 51 8.93 15.10 20.84
C ARG A 51 7.83 14.43 21.65
N ARG A 52 6.66 15.05 21.62
CA ARG A 52 5.53 14.51 22.33
C ARG A 52 5.18 13.07 21.87
N ALA A 53 5.13 12.83 20.55
CA ALA A 53 4.82 11.50 20.02
C ALA A 53 5.96 10.50 20.36
N VAL A 54 7.19 10.98 20.35
CA VAL A 54 8.30 10.08 20.67
C VAL A 54 8.22 9.68 22.16
N SER A 55 7.96 10.64 23.04
CA SER A 55 7.82 10.34 24.48
C SER A 55 6.67 9.37 24.66
N PHE A 56 5.55 9.68 24.03
CA PHE A 56 4.43 8.82 24.15
C PHE A 56 4.75 7.38 23.76
N ALA A 57 5.37 7.20 22.59
CA ALA A 57 5.69 5.85 22.12
C ALA A 57 6.60 5.13 23.12
N ALA A 58 7.66 5.82 23.52
CA ALA A 58 8.61 5.22 24.48
C ALA A 58 7.90 4.81 25.76
N ASN A 59 7.11 5.69 26.35
CA ASN A 59 6.42 5.33 27.60
C ASN A 59 5.36 4.28 27.41
N ASN A 60 5.07 3.88 26.18
CA ASN A 60 4.02 2.90 26.00
C ASN A 60 4.36 1.57 25.36
N GLY A 61 5.61 1.17 25.54
CA GLY A 61 6.10 -0.11 25.04
C GLY A 61 6.18 -0.34 23.56
N ILE A 62 5.98 0.70 22.76
CA ILE A 62 6.06 0.52 21.32
C ILE A 62 7.52 0.24 21.08
N GLU A 63 7.85 -0.70 20.20
CA GLU A 63 9.23 -1.02 19.92
C GLU A 63 9.79 -0.10 18.86
N ALA A 64 8.96 0.28 17.91
CA ALA A 64 9.47 1.13 16.86
C ALA A 64 8.46 2.16 16.42
N LEU A 65 8.98 3.35 16.19
CA LEU A 65 8.21 4.48 15.68
C LEU A 65 8.96 5.01 14.45
N THR A 66 8.27 5.04 13.32
CA THR A 66 8.81 5.55 12.07
C THR A 66 8.02 6.80 11.69
N LEU A 67 8.75 7.92 11.58
CA LEU A 67 8.18 9.22 11.22
C LEU A 67 8.55 9.74 9.83
N TYR A 68 7.54 10.25 9.13
CA TYR A 68 7.66 10.80 7.78
C TYR A 68 7.00 12.23 7.72
N ALA A 69 7.81 13.25 7.45
CA ALA A 69 7.33 14.63 7.35
C ALA A 69 6.83 14.87 5.96
N PHE A 70 5.52 14.96 5.78
CA PHE A 70 5.01 15.19 4.44
C PHE A 70 5.00 16.69 4.13
N SER A 71 5.46 17.04 2.95
CA SER A 71 5.48 18.44 2.54
C SER A 71 4.69 18.56 1.24
N SER A 72 3.63 19.36 1.31
CA SER A 72 2.73 19.63 0.19
C SER A 72 3.53 20.49 -0.77
N GLU A 73 4.85 20.50 -0.54
CA GLU A 73 5.81 21.26 -1.33
C GLU A 73 6.78 20.25 -1.94
N LEU A 93 19.79 17.27 13.14
CA LEU A 93 19.54 16.22 14.16
C LEU A 93 20.74 15.92 15.06
N ASP A 94 21.52 16.94 15.41
CA ASP A 94 22.68 16.71 16.27
C ASP A 94 22.44 17.07 17.73
N SER A 95 21.59 18.05 17.96
CA SER A 95 21.28 18.43 19.31
C SER A 95 20.36 17.36 19.87
N GLU A 96 19.40 16.96 19.05
CA GLU A 96 18.40 15.98 19.42
C GLU A 96 18.94 14.60 19.77
N VAL A 97 19.96 14.16 19.06
CA VAL A 97 20.53 12.84 19.28
C VAL A 97 20.98 12.58 20.70
N LYS A 98 21.40 13.63 21.40
CA LYS A 98 21.86 13.50 22.75
C LYS A 98 20.64 13.27 23.65
N SER A 99 19.64 14.13 23.56
CA SER A 99 18.44 13.94 24.36
C SER A 99 17.92 12.55 24.02
N LEU A 100 18.02 12.18 22.74
CA LEU A 100 17.55 10.86 22.34
C LEU A 100 18.30 9.79 23.10
N HIS A 101 19.62 9.83 23.00
CA HIS A 101 20.48 8.86 23.68
C HIS A 101 20.17 8.88 25.17
N ARG A 102 20.06 10.07 25.73
CA ARG A 102 19.76 10.20 27.14
C ARG A 102 18.43 9.54 27.46
N HIS A 103 17.53 9.40 26.48
CA HIS A 103 16.24 8.74 26.75
C HIS A 103 16.22 7.26 26.29
N ASN A 104 17.42 6.74 26.05
CA ASN A 104 17.59 5.35 25.67
C ASN A 104 16.82 5.02 24.42
N VAL A 105 16.91 5.90 23.42
CA VAL A 105 16.22 5.68 22.16
C VAL A 105 17.24 5.27 21.13
N ARG A 106 16.89 4.34 20.26
CA ARG A 106 17.83 3.93 19.22
C ARG A 106 17.37 4.66 17.96
N LEU A 107 18.30 5.36 17.30
CA LEU A 107 17.98 6.15 16.12
C LEU A 107 18.50 5.66 14.77
N ARG A 108 17.62 5.65 13.76
CA ARG A 108 18.01 5.23 12.41
C ARG A 108 17.44 6.24 11.43
N ILE A 109 18.14 6.47 10.32
CA ILE A 109 17.66 7.39 9.31
C ILE A 109 17.37 6.57 8.05
N ILE A 110 16.11 6.49 7.62
CA ILE A 110 15.83 5.74 6.42
C ILE A 110 15.62 6.72 5.29
N GLY A 111 15.97 6.31 4.07
CA GLY A 111 15.82 7.18 2.91
C GLY A 111 17.10 7.24 2.10
N ASP A 112 17.05 7.87 0.93
CA ASP A 112 18.21 7.97 0.04
C ASP A 112 19.20 9.02 0.48
N THR A 113 20.09 8.66 1.41
CA THR A 113 21.11 9.57 1.92
C THR A 113 22.38 9.41 1.09
N SER A 114 22.32 8.57 0.05
CA SER A 114 23.48 8.30 -0.79
C SER A 114 23.96 9.51 -1.59
N ARG A 115 23.14 10.55 -1.67
CA ARG A 115 23.56 11.73 -2.40
C ARG A 115 24.04 12.88 -1.51
N PHE A 116 23.66 12.88 -0.23
CA PHE A 116 24.09 13.95 0.70
C PHE A 116 25.62 14.02 0.73
N ASN A 117 26.18 15.14 1.20
CA ASN A 117 27.63 15.23 1.25
C ASN A 117 28.13 14.22 2.29
N SER A 118 29.39 13.80 2.15
CA SER A 118 29.95 12.80 3.05
C SER A 118 30.04 13.22 4.52
N ARG A 119 30.00 14.51 4.79
CA ARG A 119 30.05 14.99 6.17
C ARG A 119 28.76 14.51 6.84
N LEU A 120 27.63 15.04 6.36
CA LEU A 120 26.30 14.66 6.89
C LEU A 120 26.20 13.16 7.17
N GLN A 121 26.45 12.36 6.13
CA GLN A 121 26.38 10.91 6.23
C GLN A 121 27.15 10.34 7.41
N GLU A 122 28.33 10.89 7.68
CA GLU A 122 29.11 10.39 8.81
C GLU A 122 28.34 10.82 10.06
N ARG A 123 28.01 12.11 10.10
CA ARG A 123 27.26 12.69 11.20
C ARG A 123 26.03 11.83 11.44
N ILE A 124 25.42 11.36 10.36
CA ILE A 124 24.26 10.52 10.47
C ILE A 124 24.65 9.19 11.12
N ARG A 125 25.63 8.53 10.54
CA ARG A 125 26.09 7.25 11.07
C ARG A 125 26.61 7.32 12.51
N LYS A 126 27.20 8.46 12.90
CA LYS A 126 27.71 8.62 14.27
C LYS A 126 26.53 8.55 15.21
N SER A 127 25.52 9.36 14.89
CA SER A 127 24.29 9.44 15.66
C SER A 127 23.73 8.05 15.79
N GLU A 128 23.80 7.28 14.71
CA GLU A 128 23.28 5.93 14.69
C GLU A 128 24.09 4.97 15.60
N ALA A 129 25.41 4.94 15.40
CA ALA A 129 26.27 4.08 16.20
C ALA A 129 26.01 4.37 17.67
N LEU A 130 26.10 5.65 17.98
CA LEU A 130 25.91 6.14 19.33
C LEU A 130 24.71 5.55 20.08
N THR A 131 23.60 5.31 19.40
CA THR A 131 22.40 4.79 20.09
C THR A 131 22.04 3.34 19.82
N ALA A 132 22.79 2.70 18.90
CA ALA A 132 22.55 1.29 18.55
C ALA A 132 22.36 0.36 19.74
N GLY A 133 23.01 0.66 20.84
CA GLY A 133 22.87 -0.19 22.01
C GLY A 133 21.75 0.15 22.97
N ASN A 134 21.07 1.28 22.74
CA ASN A 134 19.98 1.63 23.63
C ASN A 134 18.89 0.57 23.51
N THR A 135 18.18 0.32 24.59
CA THR A 135 17.15 -0.71 24.62
C THR A 135 15.71 -0.22 24.59
N GLY A 136 15.51 1.08 24.50
CA GLY A 136 14.17 1.62 24.47
C GLY A 136 13.67 1.70 23.04
N LEU A 137 12.74 2.62 22.85
CA LEU A 137 12.13 2.86 21.55
C LEU A 137 13.14 2.96 20.39
N THR A 138 12.88 2.26 19.29
CA THR A 138 13.72 2.42 18.09
C THR A 138 12.97 3.46 17.23
N LEU A 139 13.60 4.61 16.99
CA LEU A 139 13.01 5.67 16.20
C LEU A 139 13.63 5.79 14.81
N ASN A 140 12.79 5.62 13.78
CA ASN A 140 13.21 5.74 12.38
C ASN A 140 12.66 7.07 11.77
N ILE A 141 13.55 7.90 11.23
CA ILE A 141 13.18 9.17 10.65
C ILE A 141 13.49 9.07 9.17
N ALA A 142 12.49 9.36 8.32
CA ALA A 142 12.66 9.33 6.87
C ALA A 142 13.28 10.63 6.40
N ALA A 143 14.34 10.57 5.58
CA ALA A 143 14.93 11.78 5.03
C ALA A 143 15.05 11.43 3.58
N ASN A 144 14.40 12.18 2.71
CA ASN A 144 14.49 11.86 1.30
C ASN A 144 14.12 10.39 1.10
N TYR A 145 12.96 9.99 1.66
CA TYR A 145 12.48 8.62 1.54
C TYR A 145 11.30 8.48 0.58
N GLY A 146 11.29 7.37 -0.13
CA GLY A 146 10.21 7.05 -1.06
C GLY A 146 10.03 5.55 -0.99
N GLY A 147 8.77 5.05 -1.03
CA GLY A 147 8.53 3.62 -0.95
C GLY A 147 8.99 2.90 -2.18
N ARG A 148 8.81 3.56 -3.32
CA ARG A 148 9.26 2.98 -4.59
C ARG A 148 10.81 2.86 -4.65
N TRP A 149 11.49 3.88 -4.17
CA TRP A 149 12.96 3.91 -4.13
C TRP A 149 13.45 2.81 -3.20
N ASP A 150 12.78 2.73 -2.06
CA ASP A 150 13.08 1.73 -1.05
C ASP A 150 13.08 0.35 -1.71
N ILE A 151 12.02 0.07 -2.47
CA ILE A 151 11.88 -1.22 -3.15
C ILE A 151 12.99 -1.36 -4.21
N VAL A 152 13.22 -0.31 -4.99
CA VAL A 152 14.26 -0.31 -6.01
C VAL A 152 15.67 -0.56 -5.38
N GLN A 153 16.08 0.20 -4.36
CA GLN A 153 17.41 -0.07 -3.81
C GLN A 153 17.53 -1.52 -3.35
N GLY A 154 16.45 -2.10 -2.90
CA GLY A 154 16.54 -3.49 -2.48
C GLY A 154 16.69 -4.39 -3.70
N VAL A 155 16.03 -4.00 -4.79
CA VAL A 155 16.11 -4.76 -6.02
C VAL A 155 17.56 -4.74 -6.51
N ARG A 156 18.15 -3.56 -6.49
CA ARG A 156 19.53 -3.40 -6.91
C ARG A 156 20.46 -4.36 -6.16
N GLN A 157 20.25 -4.52 -4.87
CA GLN A 157 21.10 -5.43 -4.09
C GLN A 157 21.02 -6.86 -4.59
N LEU A 158 19.80 -7.29 -4.92
CA LEU A 158 19.59 -8.63 -5.44
C LEU A 158 20.20 -8.72 -6.85
N ALA A 159 20.10 -7.64 -7.60
CA ALA A 159 20.67 -7.62 -8.95
C ALA A 159 22.20 -7.80 -8.85
N GLU A 160 22.81 -7.08 -7.90
CA GLU A 160 24.25 -7.20 -7.67
C GLU A 160 24.62 -8.65 -7.40
N LYS A 161 23.84 -9.33 -6.56
CA LYS A 161 24.09 -10.73 -6.25
C LYS A 161 23.91 -11.58 -7.49
N VAL A 162 23.05 -11.13 -8.40
CA VAL A 162 22.83 -11.92 -9.61
C VAL A 162 24.08 -11.85 -10.46
N GLN A 163 24.51 -10.63 -10.73
CA GLN A 163 25.67 -10.38 -11.56
C GLN A 163 26.91 -11.13 -11.03
N GLN A 164 26.87 -11.53 -9.76
CA GLN A 164 27.98 -12.27 -9.15
C GLN A 164 27.85 -13.78 -9.25
N GLY A 165 26.93 -14.26 -10.07
CA GLY A 165 26.75 -15.69 -10.27
C GLY A 165 26.34 -16.49 -9.04
N ASN A 166 25.91 -15.77 -8.02
CA ASN A 166 25.48 -16.38 -6.76
C ASN A 166 23.96 -16.62 -6.66
N LEU A 167 23.21 -15.74 -7.28
CA LEU A 167 21.76 -15.81 -7.23
C LEU A 167 21.12 -16.04 -8.59
N GLN A 168 20.20 -17.00 -8.62
CA GLN A 168 19.44 -17.35 -9.82
C GLN A 168 18.10 -16.57 -9.78
N PRO A 169 17.81 -15.78 -10.82
CA PRO A 169 16.55 -15.00 -10.85
C PRO A 169 15.35 -15.76 -10.27
N ASP A 170 15.34 -17.06 -10.42
CA ASP A 170 14.24 -17.85 -9.94
C ASP A 170 14.27 -18.22 -8.46
N GLN A 171 15.34 -17.83 -7.78
CA GLN A 171 15.43 -18.13 -6.35
C GLN A 171 14.85 -16.97 -5.57
N ILE A 172 14.69 -15.85 -6.26
CA ILE A 172 14.16 -14.65 -5.65
C ILE A 172 12.67 -14.72 -5.37
N ASP A 173 12.32 -14.73 -4.10
CA ASP A 173 10.92 -14.74 -3.74
C ASP A 173 10.64 -13.51 -2.87
N GLU A 174 9.44 -13.47 -2.29
CA GLU A 174 9.00 -12.38 -1.44
C GLU A 174 9.91 -12.20 -0.24
N GLU A 175 10.08 -13.28 0.49
CA GLU A 175 10.93 -13.34 1.69
C GLU A 175 12.30 -12.73 1.44
N MET A 176 12.92 -13.10 0.33
CA MET A 176 14.23 -12.61 0.02
C MET A 176 14.19 -11.12 -0.23
N LEU A 177 13.28 -10.68 -1.09
CA LEU A 177 13.18 -9.25 -1.33
C LEU A 177 12.87 -8.54 0.01
N ASN A 178 12.08 -9.15 0.86
CA ASN A 178 11.73 -8.55 2.15
C ASN A 178 12.97 -8.24 3.04
N GLN A 179 13.96 -9.13 3.01
CA GLN A 179 15.21 -8.98 3.78
C GLN A 179 16.00 -7.80 3.27
N HIS A 180 15.61 -7.22 2.14
CA HIS A 180 16.37 -6.09 1.59
C HIS A 180 15.69 -4.70 1.58
N VAL A 181 14.47 -4.62 2.13
CA VAL A 181 13.86 -3.32 2.17
C VAL A 181 14.17 -2.67 3.57
N CYS A 182 14.02 -1.36 3.63
CA CYS A 182 14.27 -0.65 4.86
C CYS A 182 13.48 -1.24 6.00
N MET A 183 14.13 -1.31 7.16
CA MET A 183 13.51 -1.78 8.38
C MET A 183 13.11 -3.26 8.45
N HIS A 184 13.68 -4.12 7.59
CA HIS A 184 13.34 -5.53 7.63
C HIS A 184 13.74 -6.23 8.95
N GLU A 185 14.68 -5.67 9.72
CA GLU A 185 15.08 -6.28 11.01
C GLU A 185 14.09 -5.97 12.17
N LEU A 186 13.24 -4.95 11.98
CA LEU A 186 12.26 -4.55 13.00
C LEU A 186 10.95 -5.29 12.77
N ALA A 187 10.09 -5.29 13.80
CA ALA A 187 8.79 -5.93 13.68
C ALA A 187 8.05 -5.26 12.50
N PRO A 188 7.16 -6.00 11.84
CA PRO A 188 6.45 -5.38 10.72
C PRO A 188 5.64 -4.17 11.20
N VAL A 189 5.45 -3.22 10.30
CA VAL A 189 4.63 -2.04 10.64
C VAL A 189 3.23 -2.55 10.92
N ASP A 190 2.71 -2.31 12.13
CA ASP A 190 1.36 -2.72 12.53
C ASP A 190 0.30 -1.69 12.18
N LEU A 191 0.68 -0.42 12.30
CA LEU A 191 -0.23 0.68 12.16
C LEU A 191 0.45 1.87 11.54
N VAL A 192 -0.25 2.48 10.57
CA VAL A 192 0.21 3.67 9.87
C VAL A 192 -0.82 4.76 10.16
N ILE A 193 -0.34 5.89 10.66
CA ILE A 193 -1.23 7.01 10.99
C ILE A 193 -0.94 8.14 10.05
N ARG A 194 -1.98 8.73 9.47
CA ARG A 194 -1.74 9.94 8.70
C ARG A 194 -2.63 11.06 9.25
N THR A 195 -1.99 12.12 9.73
CA THR A 195 -2.74 13.24 10.26
C THR A 195 -2.92 14.29 9.17
N GLY A 196 -3.72 15.32 9.41
CA GLY A 196 -3.83 16.33 8.37
C GLY A 196 -4.93 16.17 7.35
N GLY A 197 -5.70 15.10 7.45
CA GLY A 197 -6.81 14.94 6.52
C GLY A 197 -6.66 14.26 5.17
N GLU A 198 -5.48 14.16 4.57
CA GLU A 198 -5.38 13.48 3.25
C GLU A 198 -5.48 11.94 3.47
N HIS A 199 -6.16 11.23 2.58
CA HIS A 199 -6.32 9.76 2.65
C HIS A 199 -5.44 9.07 1.60
N ARG A 200 -4.13 9.24 1.73
CA ARG A 200 -3.20 8.63 0.74
C ARG A 200 -1.89 8.28 1.41
N ILE A 201 -1.17 7.37 0.79
CA ILE A 201 0.14 6.97 1.31
C ILE A 201 1.24 7.92 0.84
N SER A 202 1.00 8.59 -0.27
CA SER A 202 1.98 9.55 -0.85
C SER A 202 3.41 8.99 -0.93
N ASN A 203 3.53 7.75 -1.36
CA ASN A 203 4.82 7.11 -1.55
C ASN A 203 5.69 7.04 -0.31
N PHE A 204 5.04 6.90 0.82
CA PHE A 204 5.72 6.68 2.10
C PHE A 204 5.92 5.16 1.91
N LEU A 205 5.90 4.37 2.99
CA LEU A 205 6.12 2.90 2.91
C LEU A 205 5.11 2.23 1.99
N LEU A 206 5.56 1.25 1.20
CA LEU A 206 4.62 0.53 0.32
C LEU A 206 4.68 -0.96 0.60
N TRP A 207 5.88 -1.54 0.46
CA TRP A 207 6.10 -2.97 0.68
C TRP A 207 5.77 -3.33 2.11
N GLN A 208 6.22 -2.47 3.01
CA GLN A 208 6.04 -2.67 4.43
C GLN A 208 4.60 -2.55 4.94
N ILE A 209 3.71 -1.93 4.20
CA ILE A 209 2.34 -1.80 4.75
C ILE A 209 1.34 -2.77 4.20
N ALA A 210 1.85 -3.79 3.53
CA ALA A 210 0.97 -4.81 2.96
C ALA A 210 -0.11 -5.25 3.91
N TYR A 211 0.20 -5.34 5.21
CA TYR A 211 -0.80 -5.80 6.18
C TYR A 211 -1.12 -4.83 7.31
N ALA A 212 -0.61 -3.62 7.25
CA ALA A 212 -0.83 -2.67 8.35
C ALA A 212 -2.26 -2.12 8.42
N GLU A 213 -2.68 -1.72 9.59
CA GLU A 213 -3.99 -1.08 9.77
C GLU A 213 -3.67 0.34 9.29
N LEU A 214 -4.56 0.96 8.57
CA LEU A 214 -4.33 2.32 8.06
C LEU A 214 -5.33 3.24 8.82
N TYR A 215 -4.79 4.24 9.49
CA TYR A 215 -5.62 5.14 10.31
C TYR A 215 -5.46 6.62 9.90
N PHE A 216 -6.56 7.23 9.46
CA PHE A 216 -6.50 8.61 8.97
C PHE A 216 -7.26 9.53 9.90
N THR A 217 -6.64 10.63 10.29
CA THR A 217 -7.33 11.60 11.11
C THR A 217 -7.21 13.00 10.52
N ASP A 218 -8.24 13.81 10.68
CA ASP A 218 -8.21 15.17 10.20
C ASP A 218 -7.36 16.05 11.13
N VAL A 219 -7.06 15.60 12.33
CA VAL A 219 -6.26 16.41 13.21
C VAL A 219 -4.90 16.84 12.59
N LEU A 220 -4.55 18.13 12.71
CA LEU A 220 -3.33 18.69 12.13
C LEU A 220 -2.18 18.29 13.02
N TRP A 221 -1.02 18.01 12.44
CA TRP A 221 0.08 17.50 13.23
C TRP A 221 0.43 18.19 14.56
N PRO A 222 0.54 19.55 14.57
CA PRO A 222 0.86 20.32 15.79
C PRO A 222 -0.13 19.99 16.94
N ASP A 223 -1.40 19.70 16.62
CA ASP A 223 -2.43 19.35 17.62
C ASP A 223 -2.55 17.87 17.92
N PHE A 224 -1.78 17.03 17.23
CA PHE A 224 -1.89 15.59 17.44
C PHE A 224 -1.14 15.29 18.73
N ASP A 225 -1.88 14.96 19.79
CA ASP A 225 -1.24 14.72 21.08
C ASP A 225 -1.44 13.32 21.65
N GLU A 226 -1.03 13.12 22.89
CA GLU A 226 -1.13 11.80 23.50
C GLU A 226 -2.50 11.12 23.40
N GLN A 227 -3.58 11.87 23.64
CA GLN A 227 -4.91 11.27 23.59
C GLN A 227 -5.24 10.92 22.13
N ASP A 228 -4.71 11.66 21.16
CA ASP A 228 -4.94 11.30 19.76
C ASP A 228 -4.16 9.98 19.47
N PHE A 229 -2.92 9.92 19.89
CA PHE A 229 -2.15 8.72 19.63
C PHE A 229 -2.84 7.50 20.31
N GLU A 230 -3.32 7.69 21.55
CA GLU A 230 -3.99 6.61 22.29
C GLU A 230 -5.23 6.17 21.51
N GLY A 231 -5.96 7.15 20.98
CA GLY A 231 -7.16 6.83 20.23
C GLY A 231 -6.81 5.96 19.03
N ALA A 232 -5.68 6.29 18.36
CA ALA A 232 -5.27 5.52 17.22
C ALA A 232 -4.89 4.12 17.68
N LEU A 233 -4.14 4.03 18.78
CA LEU A 233 -3.77 2.70 19.30
C LEU A 233 -5.00 1.86 19.72
N ASN A 234 -6.00 2.49 20.32
CA ASN A 234 -7.15 1.70 20.71
C ASN A 234 -7.96 1.29 19.47
N ALA A 235 -7.93 2.12 18.43
CA ALA A 235 -8.61 1.79 17.18
C ALA A 235 -7.92 0.54 16.65
N PHE A 236 -6.61 0.53 16.67
CA PHE A 236 -5.92 -0.65 16.18
C PHE A 236 -6.27 -1.87 17.07
N ALA A 237 -6.13 -1.74 18.39
CA ALA A 237 -6.45 -2.86 19.28
C ALA A 237 -7.84 -3.49 19.07
N ASN A 238 -8.88 -2.66 18.92
CA ASN A 238 -10.24 -3.19 18.73
C ASN A 238 -10.55 -3.68 17.31
N ARG A 239 -9.74 -3.24 16.35
CA ARG A 239 -9.92 -3.62 14.94
C ARG A 239 -9.37 -4.99 14.63
N GLU A 240 -8.23 -5.30 15.22
CA GLU A 240 -7.63 -6.59 15.00
C GLU A 240 -8.33 -7.68 15.83
N GLY B 17 -11.12 14.09 -11.63
CA GLY B 17 -11.29 13.14 -12.81
C GLY B 17 -10.72 11.76 -12.54
N CYS B 18 -11.56 10.90 -12.00
CA CYS B 18 -11.17 9.53 -11.64
C CYS B 18 -11.14 8.53 -12.83
N ARG B 19 -9.95 8.12 -13.25
CA ARG B 19 -9.79 7.21 -14.38
C ARG B 19 -9.70 5.71 -14.08
N HIS B 20 -9.09 5.35 -12.96
CA HIS B 20 -8.91 3.95 -12.65
C HIS B 20 -9.25 3.71 -11.16
N VAL B 21 -10.28 2.91 -10.94
CA VAL B 21 -10.74 2.57 -9.59
C VAL B 21 -10.43 1.12 -9.31
N ALA B 22 -9.97 0.85 -8.09
CA ALA B 22 -9.65 -0.50 -7.70
C ALA B 22 -10.48 -0.76 -6.49
N ILE B 23 -11.08 -1.94 -6.40
CA ILE B 23 -11.91 -2.23 -5.23
C ILE B 23 -11.60 -3.50 -4.52
N ILE B 24 -11.44 -3.39 -3.20
CA ILE B 24 -11.25 -4.58 -2.38
C ILE B 24 -12.67 -4.97 -1.89
N MET B 25 -13.21 -5.96 -2.55
CA MET B 25 -14.57 -6.43 -2.28
C MET B 25 -14.49 -7.32 -1.08
N ASP B 26 -15.14 -6.89 0.01
CA ASP B 26 -15.17 -7.67 1.24
C ASP B 26 -16.53 -7.51 1.94
N GLY B 27 -16.93 -8.57 2.61
CA GLY B 27 -18.18 -8.54 3.33
C GLY B 27 -19.28 -9.51 2.95
N ASN B 28 -19.12 -10.33 1.91
CA ASN B 28 -20.18 -11.27 1.51
C ASN B 28 -20.64 -12.28 2.60
N GLY B 29 -19.67 -12.96 3.23
CA GLY B 29 -20.00 -13.93 4.26
C GLY B 29 -20.68 -13.25 5.43
N ARG B 30 -20.04 -12.19 5.92
CA ARG B 30 -20.61 -11.45 7.04
C ARG B 30 -22.01 -11.01 6.65
N TRP B 31 -22.21 -10.71 5.38
CA TRP B 31 -23.52 -10.28 4.91
C TRP B 31 -24.45 -11.46 5.08
N ALA B 32 -23.98 -12.61 4.63
CA ALA B 32 -24.76 -13.85 4.71
C ALA B 32 -25.39 -14.00 6.10
N LYS B 33 -24.55 -14.06 7.12
CA LYS B 33 -25.03 -14.22 8.51
C LYS B 33 -26.04 -13.16 8.95
N LYS B 34 -25.81 -11.91 8.61
CA LYS B 34 -26.76 -10.87 8.99
C LYS B 34 -28.13 -11.21 8.40
N GLN B 35 -28.15 -12.01 7.34
CA GLN B 35 -29.40 -12.42 6.72
C GLN B 35 -29.84 -13.73 7.37
N GLY B 36 -28.88 -14.41 8.00
CA GLY B 36 -29.13 -15.69 8.64
C GLY B 36 -29.22 -16.73 7.54
N LYS B 37 -28.29 -16.64 6.58
CA LYS B 37 -28.28 -17.55 5.44
C LYS B 37 -26.86 -18.13 5.30
N ILE B 38 -26.66 -19.10 4.43
CA ILE B 38 -25.32 -19.68 4.22
C ILE B 38 -24.42 -18.82 3.33
N ARG B 39 -23.12 -19.11 3.43
CA ARG B 39 -22.08 -18.41 2.66
C ARG B 39 -22.42 -18.35 1.14
N ALA B 40 -23.02 -19.43 0.61
CA ALA B 40 -23.40 -19.50 -0.82
C ALA B 40 -24.38 -18.39 -1.21
N PHE B 41 -25.22 -17.99 -0.28
CA PHE B 41 -26.17 -16.91 -0.51
C PHE B 41 -25.40 -15.58 -0.65
N GLY B 42 -24.42 -15.40 0.24
CA GLY B 42 -23.59 -14.20 0.20
C GLY B 42 -22.82 -14.14 -1.10
N HIS B 43 -22.26 -15.27 -1.53
CA HIS B 43 -21.50 -15.28 -2.79
C HIS B 43 -22.40 -14.83 -3.95
N LYS B 44 -23.63 -15.35 -3.94
CA LYS B 44 -24.65 -15.06 -4.93
C LYS B 44 -24.93 -13.55 -4.98
N ALA B 45 -25.10 -12.95 -3.81
CA ALA B 45 -25.38 -11.51 -3.76
C ALA B 45 -24.12 -10.70 -4.15
N GLY B 46 -22.96 -11.24 -3.82
CA GLY B 46 -21.69 -10.59 -4.16
C GLY B 46 -21.51 -10.52 -5.66
N ALA B 47 -21.89 -11.60 -6.35
CA ALA B 47 -21.77 -11.61 -7.80
C ALA B 47 -22.73 -10.57 -8.37
N LYS B 48 -23.90 -10.41 -7.76
CA LYS B 48 -24.81 -9.40 -8.31
C LYS B 48 -24.22 -8.04 -8.08
N SER B 49 -23.59 -7.84 -6.94
CA SER B 49 -22.98 -6.54 -6.69
C SER B 49 -21.81 -6.30 -7.67
N VAL B 50 -21.13 -7.35 -8.07
CA VAL B 50 -20.07 -7.15 -9.06
C VAL B 50 -20.64 -6.64 -10.39
N ARG B 51 -21.68 -7.31 -10.89
CA ARG B 51 -22.25 -6.90 -12.15
C ARG B 51 -22.69 -5.42 -12.10
N ARG B 52 -23.29 -5.03 -11.00
CA ARG B 52 -23.77 -3.68 -10.82
C ARG B 52 -22.59 -2.69 -10.78
N ALA B 53 -21.45 -3.04 -10.16
CA ALA B 53 -20.31 -2.09 -10.09
C ALA B 53 -19.68 -1.95 -11.48
N VAL B 54 -19.55 -3.08 -12.18
CA VAL B 54 -18.98 -3.08 -13.50
C VAL B 54 -19.89 -2.25 -14.42
N SER B 55 -21.21 -2.52 -14.36
CA SER B 55 -22.16 -1.73 -15.18
C SER B 55 -22.00 -0.26 -14.90
N PHE B 56 -21.96 0.05 -13.62
CA PHE B 56 -21.84 1.44 -13.23
C PHE B 56 -20.55 2.06 -13.70
N ALA B 57 -19.45 1.31 -13.63
CA ALA B 57 -18.18 1.90 -14.07
C ALA B 57 -18.24 2.20 -15.57
N ALA B 58 -18.71 1.25 -16.33
CA ALA B 58 -18.78 1.42 -17.79
C ALA B 58 -19.73 2.55 -18.21
N ASN B 59 -20.87 2.71 -17.52
CA ASN B 59 -21.82 3.77 -17.85
C ASN B 59 -21.33 5.16 -17.53
N ASN B 60 -20.32 5.26 -16.66
CA ASN B 60 -19.82 6.56 -16.25
C ASN B 60 -18.41 6.99 -16.68
N GLY B 61 -17.93 6.45 -17.81
CA GLY B 61 -16.63 6.85 -18.34
C GLY B 61 -15.38 6.43 -17.59
N ILE B 62 -15.49 5.55 -16.62
CA ILE B 62 -14.28 5.14 -15.94
C ILE B 62 -13.42 4.31 -16.90
N GLU B 63 -12.13 4.61 -16.95
CA GLU B 63 -11.23 3.89 -17.83
C GLU B 63 -10.87 2.48 -17.41
N ALA B 64 -10.66 2.27 -16.12
CA ALA B 64 -10.29 0.93 -15.66
C ALA B 64 -10.93 0.67 -14.32
N LEU B 65 -11.30 -0.59 -14.09
CA LEU B 65 -11.90 -1.01 -12.84
C LEU B 65 -11.15 -2.28 -12.49
N THR B 66 -10.53 -2.30 -11.32
CA THR B 66 -9.74 -3.46 -10.90
C THR B 66 -10.40 -4.04 -9.62
N LEU B 67 -10.78 -5.31 -9.69
CA LEU B 67 -11.50 -5.99 -8.62
C LEU B 67 -10.72 -7.12 -7.94
N TYR B 68 -10.69 -7.06 -6.61
CA TYR B 68 -9.99 -8.03 -5.79
C TYR B 68 -10.96 -8.59 -4.75
N ALA B 69 -11.15 -9.90 -4.75
CA ALA B 69 -12.05 -10.57 -3.79
C ALA B 69 -11.22 -11.00 -2.58
N PHE B 70 -11.48 -10.38 -1.43
CA PHE B 70 -10.75 -10.70 -0.19
C PHE B 70 -11.41 -11.87 0.56
N SER B 71 -10.62 -12.82 1.04
CA SER B 71 -11.18 -13.92 1.81
C SER B 71 -10.34 -14.09 3.07
N SER B 72 -11.00 -14.50 4.16
CA SER B 72 -10.32 -14.76 5.44
C SER B 72 -9.68 -16.14 5.38
N SER B 83 -10.42 -26.39 -6.31
CA SER B 83 -11.08 -26.89 -7.56
C SER B 83 -12.46 -26.28 -7.79
N ALA B 84 -13.35 -26.41 -6.80
CA ALA B 84 -14.68 -25.84 -6.95
C ALA B 84 -14.55 -24.46 -7.62
N LEU B 85 -14.11 -23.46 -6.88
CA LEU B 85 -13.95 -22.10 -7.42
C LEU B 85 -13.20 -22.07 -8.77
N MET B 86 -12.40 -23.09 -9.04
CA MET B 86 -11.68 -23.18 -10.30
C MET B 86 -12.68 -23.42 -11.44
N GLU B 87 -13.65 -24.28 -11.21
CA GLU B 87 -14.65 -24.56 -12.24
C GLU B 87 -15.63 -23.40 -12.28
N LEU B 88 -15.77 -22.72 -11.14
CA LEU B 88 -16.69 -21.61 -11.10
C LEU B 88 -16.11 -20.50 -11.96
N PHE B 89 -14.79 -20.32 -11.86
CA PHE B 89 -14.11 -19.28 -12.61
C PHE B 89 -14.40 -19.57 -14.11
N VAL B 90 -14.15 -20.81 -14.52
CA VAL B 90 -14.38 -21.25 -15.91
C VAL B 90 -15.83 -20.98 -16.33
N TRP B 91 -16.75 -21.34 -15.44
CA TRP B 91 -18.19 -21.13 -15.69
C TRP B 91 -18.53 -19.64 -15.83
N ALA B 92 -17.95 -18.82 -14.97
CA ALA B 92 -18.17 -17.38 -15.05
C ALA B 92 -17.68 -16.84 -16.39
N LEU B 93 -16.44 -17.17 -16.75
CA LEU B 93 -15.87 -16.68 -17.99
C LEU B 93 -16.73 -17.14 -19.18
N ASP B 94 -17.12 -18.41 -19.15
CA ASP B 94 -17.90 -18.96 -20.24
C ASP B 94 -19.24 -18.25 -20.44
N SER B 95 -19.90 -17.89 -19.35
CA SER B 95 -21.20 -17.23 -19.43
C SER B 95 -21.22 -15.70 -19.54
N GLU B 96 -20.19 -15.02 -19.03
CA GLU B 96 -20.17 -13.56 -19.05
C GLU B 96 -19.31 -12.85 -20.09
N VAL B 97 -18.37 -13.55 -20.70
CA VAL B 97 -17.48 -12.87 -21.65
C VAL B 97 -18.18 -12.29 -22.87
N LYS B 98 -19.10 -13.06 -23.43
CA LYS B 98 -19.88 -12.61 -24.57
C LYS B 98 -20.52 -11.25 -24.29
N SER B 99 -21.05 -11.06 -23.10
CA SER B 99 -21.70 -9.80 -22.77
C SER B 99 -20.67 -8.68 -22.53
N LEU B 100 -19.52 -9.00 -21.95
CA LEU B 100 -18.51 -7.98 -21.74
C LEU B 100 -18.07 -7.48 -23.11
N HIS B 101 -17.97 -8.45 -24.01
CA HIS B 101 -17.53 -8.17 -25.36
C HIS B 101 -18.48 -7.25 -26.07
N ARG B 102 -19.77 -7.54 -25.95
CA ARG B 102 -20.78 -6.68 -26.58
C ARG B 102 -20.78 -5.29 -25.95
N HIS B 103 -20.40 -5.19 -24.67
CA HIS B 103 -20.36 -3.91 -23.99
C HIS B 103 -19.02 -3.18 -24.18
N ASN B 104 -18.24 -3.67 -25.13
CA ASN B 104 -16.95 -3.07 -25.43
C ASN B 104 -15.94 -3.02 -24.24
N VAL B 105 -16.05 -3.99 -23.34
CA VAL B 105 -15.16 -4.08 -22.20
C VAL B 105 -13.99 -4.97 -22.54
N ARG B 106 -12.80 -4.56 -22.13
CA ARG B 106 -11.58 -5.35 -22.37
C ARG B 106 -11.33 -6.07 -21.02
N LEU B 107 -11.24 -7.40 -21.02
CA LEU B 107 -11.04 -8.17 -19.79
C LEU B 107 -9.62 -8.69 -19.58
N ARG B 108 -9.06 -8.47 -18.40
CA ARG B 108 -7.72 -8.99 -18.08
C ARG B 108 -7.77 -9.58 -16.67
N ILE B 109 -7.09 -10.70 -16.49
CA ILE B 109 -6.99 -11.34 -15.19
C ILE B 109 -5.58 -11.00 -14.70
N ILE B 110 -5.41 -10.56 -13.45
CA ILE B 110 -4.07 -10.26 -12.97
C ILE B 110 -3.81 -11.18 -11.80
N GLY B 111 -2.58 -11.69 -11.72
CA GLY B 111 -2.29 -12.63 -10.64
C GLY B 111 -1.56 -13.87 -11.12
N ASP B 112 -1.21 -14.75 -10.19
CA ASP B 112 -0.46 -15.95 -10.53
C ASP B 112 -1.44 -17.03 -10.95
N THR B 113 -1.56 -17.25 -12.23
CA THR B 113 -2.48 -18.27 -12.73
C THR B 113 -1.64 -19.44 -13.27
N SER B 114 -0.33 -19.36 -13.02
CA SER B 114 0.63 -20.37 -13.47
C SER B 114 0.28 -21.79 -12.98
N ARG B 115 -0.44 -21.92 -11.88
CA ARG B 115 -0.77 -23.26 -11.42
C ARG B 115 -2.25 -23.62 -11.53
N PHE B 116 -3.01 -22.76 -12.21
CA PHE B 116 -4.41 -23.06 -12.42
C PHE B 116 -4.38 -24.26 -13.38
N ASN B 117 -5.39 -25.12 -13.38
CA ASN B 117 -5.35 -26.22 -14.33
C ASN B 117 -5.33 -25.59 -15.74
N SER B 118 -4.81 -26.34 -16.70
CA SER B 118 -4.64 -25.91 -18.06
C SER B 118 -5.92 -25.51 -18.78
N ARG B 119 -7.04 -26.14 -18.44
CA ARG B 119 -8.26 -25.76 -19.13
C ARG B 119 -8.66 -24.34 -18.68
N LEU B 120 -8.58 -24.04 -17.38
CA LEU B 120 -8.92 -22.69 -16.91
C LEU B 120 -7.88 -21.70 -17.50
N GLN B 121 -6.62 -22.10 -17.59
CA GLN B 121 -5.61 -21.21 -18.16
C GLN B 121 -5.96 -20.85 -19.58
N GLU B 122 -6.42 -21.84 -20.32
CA GLU B 122 -6.82 -21.62 -21.71
C GLU B 122 -8.06 -20.72 -21.81
N ARG B 123 -9.03 -20.90 -20.91
CA ARG B 123 -10.22 -20.05 -20.95
C ARG B 123 -9.86 -18.58 -20.68
N ILE B 124 -8.96 -18.36 -19.73
CA ILE B 124 -8.55 -17.02 -19.37
C ILE B 124 -7.87 -16.42 -20.58
N ARG B 125 -6.94 -17.18 -21.19
CA ARG B 125 -6.24 -16.68 -22.37
C ARG B 125 -7.22 -16.32 -23.49
N LYS B 126 -8.20 -17.19 -23.77
CA LYS B 126 -9.15 -16.89 -24.87
C LYS B 126 -10.07 -15.72 -24.53
N SER B 127 -10.48 -15.62 -23.27
CA SER B 127 -11.37 -14.53 -22.91
C SER B 127 -10.59 -13.21 -23.09
N GLU B 128 -9.30 -13.20 -22.70
CA GLU B 128 -8.50 -11.98 -22.84
C GLU B 128 -8.28 -11.69 -24.31
N ALA B 129 -7.99 -12.73 -25.09
CA ALA B 129 -7.76 -12.55 -26.53
C ALA B 129 -8.99 -12.03 -27.20
N LEU B 130 -10.12 -12.63 -26.91
CA LEU B 130 -11.39 -12.20 -27.50
C LEU B 130 -11.73 -10.70 -27.28
N THR B 131 -11.44 -10.17 -26.10
CA THR B 131 -11.80 -8.78 -25.81
C THR B 131 -10.62 -7.79 -25.85
N ALA B 132 -9.44 -8.27 -26.25
CA ALA B 132 -8.22 -7.43 -26.18
C ALA B 132 -8.30 -6.11 -26.94
N GLY B 133 -9.01 -6.12 -28.07
CA GLY B 133 -9.13 -4.89 -28.81
C GLY B 133 -10.31 -4.01 -28.42
N ASN B 134 -11.05 -4.31 -27.35
CA ASN B 134 -12.17 -3.46 -27.02
C ASN B 134 -11.59 -2.15 -26.48
N THR B 135 -12.34 -1.08 -26.65
CA THR B 135 -11.86 0.23 -26.28
C THR B 135 -12.60 0.91 -25.14
N GLY B 136 -13.60 0.25 -24.55
CA GLY B 136 -14.30 0.86 -23.44
C GLY B 136 -13.58 0.55 -22.14
N LEU B 137 -14.36 0.21 -21.12
CA LEU B 137 -13.79 -0.12 -19.81
C LEU B 137 -12.84 -1.32 -19.84
N THR B 138 -11.70 -1.19 -19.19
CA THR B 138 -10.80 -2.33 -19.05
C THR B 138 -11.13 -2.84 -17.63
N LEU B 139 -11.52 -4.11 -17.53
CA LEU B 139 -11.87 -4.70 -16.25
C LEU B 139 -10.77 -5.69 -15.85
N ASN B 140 -10.07 -5.43 -14.78
CA ASN B 140 -9.02 -6.34 -14.31
C ASN B 140 -9.55 -7.14 -13.13
N ILE B 141 -9.58 -8.47 -13.28
CA ILE B 141 -10.06 -9.36 -12.22
C ILE B 141 -8.81 -9.98 -11.61
N ALA B 142 -8.58 -9.73 -10.32
CA ALA B 142 -7.39 -10.27 -9.66
C ALA B 142 -7.74 -11.71 -9.30
N ALA B 143 -6.86 -12.66 -9.61
CA ALA B 143 -7.15 -14.04 -9.28
C ALA B 143 -5.81 -14.54 -8.74
N ASN B 144 -5.81 -14.96 -7.48
CA ASN B 144 -4.62 -15.39 -6.81
C ASN B 144 -3.55 -14.34 -7.00
N TYR B 145 -3.92 -13.09 -6.73
CA TYR B 145 -3.02 -11.96 -6.86
C TYR B 145 -2.51 -11.47 -5.49
N GLY B 146 -1.29 -10.97 -5.48
CA GLY B 146 -0.75 -10.42 -4.26
C GLY B 146 0.12 -9.26 -4.70
N GLY B 147 0.10 -8.15 -3.96
CA GLY B 147 0.95 -7.02 -4.32
C GLY B 147 2.42 -7.36 -4.27
N ARG B 148 2.87 -8.11 -3.26
CA ARG B 148 4.30 -8.46 -3.16
C ARG B 148 4.71 -9.41 -4.32
N TRP B 149 3.88 -10.40 -4.60
CA TRP B 149 4.16 -11.36 -5.68
C TRP B 149 4.33 -10.62 -6.97
N ASP B 150 3.44 -9.67 -7.17
CA ASP B 150 3.42 -8.85 -8.36
C ASP B 150 4.78 -8.13 -8.51
N ILE B 151 5.24 -7.48 -7.45
CA ILE B 151 6.53 -6.79 -7.52
C ILE B 151 7.66 -7.82 -7.76
N VAL B 152 7.62 -8.95 -7.06
CA VAL B 152 8.64 -9.98 -7.25
C VAL B 152 8.65 -10.56 -8.68
N GLN B 153 7.48 -10.67 -9.30
CA GLN B 153 7.43 -11.16 -10.66
C GLN B 153 8.25 -10.19 -11.51
N GLY B 154 8.04 -8.90 -11.34
CA GLY B 154 8.79 -7.89 -12.10
C GLY B 154 10.30 -7.96 -11.82
N VAL B 155 10.63 -8.17 -10.55
CA VAL B 155 12.02 -8.27 -10.15
C VAL B 155 12.71 -9.46 -10.85
N ARG B 156 12.04 -10.61 -10.91
CA ARG B 156 12.59 -11.79 -11.56
C ARG B 156 12.88 -11.54 -13.04
N GLN B 157 12.01 -10.78 -13.68
CA GLN B 157 12.20 -10.48 -15.08
C GLN B 157 13.48 -9.67 -15.20
N LEU B 158 13.65 -8.67 -14.36
CA LEU B 158 14.84 -7.86 -14.45
C LEU B 158 16.09 -8.67 -14.11
N ALA B 159 15.95 -9.62 -13.18
CA ALA B 159 17.10 -10.47 -12.77
C ALA B 159 17.59 -11.27 -13.95
N GLU B 160 16.67 -11.61 -14.87
CA GLU B 160 16.99 -12.37 -16.08
C GLU B 160 17.85 -11.47 -16.97
N LYS B 161 17.32 -10.32 -17.36
CA LYS B 161 18.06 -9.42 -18.21
C LYS B 161 19.43 -9.12 -17.66
N VAL B 162 19.53 -9.06 -16.33
CA VAL B 162 20.79 -8.79 -15.68
C VAL B 162 21.70 -10.00 -15.88
N GLN B 163 21.20 -11.17 -15.54
CA GLN B 163 21.98 -12.39 -15.67
C GLN B 163 22.52 -12.59 -17.10
N GLN B 164 21.77 -12.10 -18.08
CA GLN B 164 22.17 -12.23 -19.47
C GLN B 164 23.29 -11.26 -19.83
N GLY B 165 23.40 -10.16 -19.10
CA GLY B 165 24.45 -9.19 -19.38
C GLY B 165 23.91 -7.97 -20.12
N ASN B 166 22.60 -7.87 -20.26
CA ASN B 166 21.99 -6.73 -20.95
C ASN B 166 21.49 -5.68 -19.95
N LEU B 167 21.67 -5.96 -18.67
CA LEU B 167 21.22 -5.03 -17.65
C LEU B 167 22.24 -4.89 -16.52
N GLN B 168 22.62 -3.65 -16.24
CA GLN B 168 23.56 -3.32 -15.17
C GLN B 168 22.77 -3.03 -13.90
N PRO B 169 23.18 -3.61 -12.77
CA PRO B 169 22.47 -3.37 -11.53
C PRO B 169 22.06 -1.94 -11.21
N ASP B 170 22.83 -0.95 -11.64
CA ASP B 170 22.47 0.44 -11.34
C ASP B 170 21.72 1.14 -12.46
N GLN B 171 21.30 0.36 -13.45
CA GLN B 171 20.52 0.90 -14.54
C GLN B 171 19.07 0.72 -14.09
N ILE B 172 18.87 -0.25 -13.20
CA ILE B 172 17.52 -0.53 -12.70
C ILE B 172 16.96 0.67 -11.92
N ASP B 173 15.83 1.22 -12.35
CA ASP B 173 15.25 2.36 -11.61
C ASP B 173 13.71 2.27 -11.46
N GLU B 174 13.09 3.18 -10.71
CA GLU B 174 11.63 3.17 -10.51
C GLU B 174 10.89 3.04 -11.82
N GLU B 175 11.25 3.86 -12.80
CA GLU B 175 10.55 3.77 -14.08
C GLU B 175 10.65 2.39 -14.71
N MET B 176 11.85 1.82 -14.67
CA MET B 176 12.07 0.51 -15.23
C MET B 176 11.27 -0.55 -14.48
N LEU B 177 11.35 -0.53 -13.15
CA LEU B 177 10.60 -1.55 -12.40
C LEU B 177 9.12 -1.45 -12.71
N ASN B 178 8.64 -0.22 -12.82
CA ASN B 178 7.23 0.02 -13.09
C ASN B 178 6.72 -0.62 -14.39
N GLN B 179 7.61 -0.76 -15.37
CA GLN B 179 7.26 -1.33 -16.66
C GLN B 179 7.09 -2.83 -16.55
N HIS B 180 7.38 -3.34 -15.37
CA HIS B 180 7.26 -4.75 -15.21
C HIS B 180 6.24 -5.20 -14.15
N VAL B 181 5.44 -4.26 -13.65
CA VAL B 181 4.38 -4.58 -12.69
C VAL B 181 3.03 -4.66 -13.40
N CYS B 182 2.07 -5.41 -12.88
CA CYS B 182 0.77 -5.49 -13.56
C CYS B 182 0.12 -4.14 -13.80
N MET B 183 -0.57 -4.01 -14.93
CA MET B 183 -1.31 -2.82 -15.28
C MET B 183 -0.49 -1.59 -15.63
N HIS B 184 0.81 -1.77 -15.88
CA HIS B 184 1.61 -0.59 -16.18
C HIS B 184 1.16 0.07 -17.49
N GLU B 185 0.42 -0.64 -18.34
CA GLU B 185 -0.03 0.00 -19.59
C GLU B 185 -1.30 0.83 -19.42
N LEU B 186 -1.93 0.74 -18.25
CA LEU B 186 -3.17 1.47 -17.96
C LEU B 186 -3.02 2.77 -17.16
N ALA B 187 -4.03 3.62 -17.19
CA ALA B 187 -4.00 4.82 -16.34
C ALA B 187 -3.63 4.39 -14.89
N PRO B 188 -2.91 5.26 -14.15
CA PRO B 188 -2.51 4.94 -12.78
C PRO B 188 -3.76 4.83 -11.88
N VAL B 189 -3.72 3.94 -10.91
CA VAL B 189 -4.84 3.78 -9.98
C VAL B 189 -5.03 5.11 -9.20
N ASP B 190 -6.21 5.71 -9.34
CA ASP B 190 -6.55 6.98 -8.68
C ASP B 190 -7.21 6.79 -7.32
N LEU B 191 -8.01 5.73 -7.24
CA LEU B 191 -8.83 5.49 -6.05
C LEU B 191 -8.95 4.00 -5.73
N VAL B 192 -8.76 3.68 -4.46
CA VAL B 192 -8.88 2.34 -4.00
C VAL B 192 -10.02 2.37 -2.99
N ILE B 193 -11.03 1.56 -3.24
CA ILE B 193 -12.17 1.42 -2.35
C ILE B 193 -12.12 0.08 -1.60
N ARG B 194 -12.29 0.08 -0.27
CA ARG B 194 -12.39 -1.21 0.42
C ARG B 194 -13.70 -1.20 1.22
N THR B 195 -14.55 -2.18 0.91
CA THR B 195 -15.83 -2.32 1.57
C THR B 195 -15.69 -3.32 2.66
N GLY B 196 -16.70 -3.41 3.53
CA GLY B 196 -16.60 -4.42 4.54
C GLY B 196 -16.07 -3.98 5.87
N GLY B 197 -15.64 -2.75 5.98
CA GLY B 197 -15.18 -2.34 7.29
C GLY B 197 -13.76 -2.37 7.70
N GLU B 198 -12.92 -3.21 7.06
CA GLU B 198 -11.49 -3.26 7.44
C GLU B 198 -10.70 -2.13 6.80
N HIS B 199 -9.67 -1.69 7.49
CA HIS B 199 -8.86 -0.56 7.02
C HIS B 199 -7.45 -0.98 6.66
N ARG B 200 -7.32 -1.89 5.71
CA ARG B 200 -6.02 -2.44 5.29
C ARG B 200 -6.03 -2.72 3.79
N ILE B 201 -4.84 -2.79 3.18
CA ILE B 201 -4.69 -3.08 1.74
C ILE B 201 -4.66 -4.61 1.57
N SER B 202 -4.28 -5.30 2.64
CA SER B 202 -4.21 -6.74 2.63
C SER B 202 -3.40 -7.31 1.48
N ASN B 203 -2.25 -6.71 1.18
CA ASN B 203 -1.37 -7.17 0.11
C ASN B 203 -2.08 -7.23 -1.24
N PHE B 204 -2.96 -6.25 -1.47
CA PHE B 204 -3.59 -6.12 -2.79
C PHE B 204 -2.52 -5.21 -3.50
N LEU B 205 -2.90 -4.28 -4.36
CA LEU B 205 -1.94 -3.43 -5.07
C LEU B 205 -1.04 -2.72 -4.06
N LEU B 206 0.27 -2.69 -4.28
CA LEU B 206 1.15 -1.95 -3.36
C LEU B 206 1.96 -0.88 -4.14
N TRP B 207 2.69 -1.35 -5.12
CA TRP B 207 3.47 -0.41 -5.91
C TRP B 207 2.53 0.59 -6.57
N GLN B 208 1.49 0.07 -7.20
CA GLN B 208 0.54 0.93 -7.90
C GLN B 208 -0.29 1.93 -7.06
N ILE B 209 -0.31 1.82 -5.73
CA ILE B 209 -1.15 2.76 -4.99
C ILE B 209 -0.38 3.86 -4.32
N ALA B 210 0.86 4.08 -4.71
CA ALA B 210 1.66 5.11 -4.08
C ALA B 210 0.97 6.47 -3.92
N TYR B 211 0.17 6.84 -4.90
CA TYR B 211 -0.51 8.14 -4.83
C TYR B 211 -2.01 8.07 -4.85
N ALA B 212 -2.56 6.87 -4.79
CA ALA B 212 -4.02 6.75 -4.84
C ALA B 212 -4.75 7.21 -3.59
N GLU B 213 -5.98 7.69 -3.79
CA GLU B 213 -6.86 8.11 -2.70
C GLU B 213 -7.33 6.77 -2.12
N LEU B 214 -7.36 6.61 -0.79
CA LEU B 214 -7.83 5.34 -0.21
C LEU B 214 -9.19 5.63 0.49
N TYR B 215 -10.22 4.88 0.10
CA TYR B 215 -11.58 5.08 0.62
C TYR B 215 -12.10 3.85 1.29
N PHE B 216 -12.45 3.98 2.56
CA PHE B 216 -12.94 2.83 3.32
C PHE B 216 -14.39 2.98 3.70
N THR B 217 -15.14 1.91 3.52
CA THR B 217 -16.52 1.96 3.91
C THR B 217 -16.88 0.70 4.62
N ASP B 218 -17.75 0.85 5.61
CA ASP B 218 -18.24 -0.26 6.38
C ASP B 218 -19.32 -0.99 5.59
N VAL B 219 -19.85 -0.39 4.55
CA VAL B 219 -20.88 -1.09 3.80
C VAL B 219 -20.31 -2.44 3.33
N LEU B 220 -21.11 -3.52 3.50
CA LEU B 220 -20.73 -4.87 3.09
C LEU B 220 -20.88 -4.98 1.55
N TRP B 221 -19.98 -5.73 0.91
CA TRP B 221 -19.98 -5.81 -0.56
C TRP B 221 -21.34 -6.07 -1.20
N PRO B 222 -22.12 -7.04 -0.70
CA PRO B 222 -23.42 -7.26 -1.36
C PRO B 222 -24.29 -6.00 -1.39
N ASP B 223 -24.13 -5.11 -0.41
CA ASP B 223 -24.94 -3.87 -0.34
C ASP B 223 -24.35 -2.68 -1.09
N PHE B 224 -23.08 -2.77 -1.48
CA PHE B 224 -22.43 -1.65 -2.17
C PHE B 224 -23.12 -1.44 -3.52
N ASP B 225 -23.74 -0.29 -3.70
CA ASP B 225 -24.51 0.00 -4.93
C ASP B 225 -24.08 1.27 -5.64
N GLU B 226 -24.87 1.67 -6.64
CA GLU B 226 -24.52 2.88 -7.38
C GLU B 226 -24.30 4.12 -6.51
N GLN B 227 -25.13 4.25 -5.47
CA GLN B 227 -25.02 5.39 -4.55
C GLN B 227 -23.71 5.34 -3.75
N ASP B 228 -23.36 4.17 -3.24
CA ASP B 228 -22.08 4.03 -2.50
C ASP B 228 -20.87 4.33 -3.43
N PHE B 229 -20.95 3.83 -4.66
CA PHE B 229 -19.88 4.04 -5.63
C PHE B 229 -19.72 5.54 -5.89
N GLU B 230 -20.80 6.22 -6.21
CA GLU B 230 -20.66 7.66 -6.44
C GLU B 230 -20.12 8.41 -5.23
N GLY B 231 -20.54 8.04 -4.03
CA GLY B 231 -20.02 8.72 -2.84
C GLY B 231 -18.50 8.66 -2.82
N ALA B 232 -17.95 7.49 -3.14
CA ALA B 232 -16.50 7.33 -3.16
C ALA B 232 -15.92 8.23 -4.25
N LEU B 233 -16.54 8.26 -5.42
CA LEU B 233 -16.05 9.12 -6.50
C LEU B 233 -16.03 10.61 -6.07
N ASN B 234 -17.05 11.02 -5.32
CA ASN B 234 -17.12 12.40 -4.87
C ASN B 234 -16.03 12.62 -3.87
N ALA B 235 -15.88 11.67 -2.98
CA ALA B 235 -14.84 11.81 -2.00
C ALA B 235 -13.55 12.11 -2.77
N PHE B 236 -13.37 11.44 -3.90
CA PHE B 236 -12.18 11.67 -4.70
C PHE B 236 -12.19 13.08 -5.32
N ALA B 237 -13.32 13.47 -5.91
CA ALA B 237 -13.46 14.80 -6.55
C ALA B 237 -13.09 15.94 -5.61
N ASN B 238 -13.82 16.05 -4.50
CA ASN B 238 -13.56 17.10 -3.52
C ASN B 238 -12.12 17.05 -3.00
N ARG B 239 -11.67 15.89 -2.55
CA ARG B 239 -10.32 15.78 -2.05
C ARG B 239 -9.25 16.20 -3.06
#